data_3KBQ
#
_entry.id   3KBQ
#
_cell.length_a   143.596
_cell.length_b   39.718
_cell.length_c   55.946
_cell.angle_alpha   90.00
_cell.angle_beta   90.00
_cell.angle_gamma   90.00
#
_symmetry.space_group_name_H-M   'P 21 21 2'
#
loop_
_entity.id
_entity.type
_entity.pdbx_description
1 polymer 'Protein Ta0487'
2 non-polymer 'SULFATE ION'
3 water water
#
_entity_poly.entity_id   1
_entity_poly.type   'polypeptide(L)'
_entity_poly.pdbx_seq_one_letter_code
;SNAKNASVITVGNEILKGRTVNTNAAFIGNFLTYHGYQVRRGFVVMDDLDEIGWAFRVALEVSDLVVSSGGLGPTFDDMT
VEGFAKCIGQDLRIDEDALAMIKKKYGQADLTPQRLKMAKIPPSCRPIENPVGTAPGLICAVGGKKVIILPGVPKEMEAL
LKAMEKDIIIPD
;
_entity_poly.pdbx_strand_id   A,B
#
# COMPACT_ATOMS: atom_id res chain seq x y z
N LYS A 4 2.72 19.79 5.33
CA LYS A 4 3.21 19.00 4.15
C LYS A 4 2.67 17.56 3.98
N ASN A 5 2.78 17.06 2.76
CA ASN A 5 2.29 15.73 2.43
C ASN A 5 3.48 14.81 2.25
N ALA A 6 3.29 13.57 2.67
CA ALA A 6 4.29 12.54 2.45
C ALA A 6 3.62 11.29 1.87
N SER A 7 4.40 10.49 1.15
CA SER A 7 3.89 9.18 0.72
C SER A 7 4.90 8.17 1.07
N VAL A 8 4.46 6.92 1.24
CA VAL A 8 5.40 5.87 1.64
C VAL A 8 5.41 4.78 0.53
N ILE A 9 6.59 4.27 0.14
CA ILE A 9 6.64 3.19 -0.81
C ILE A 9 7.30 1.99 -0.12
N THR A 10 6.73 0.80 -0.30
CA THR A 10 7.36 -0.42 0.15
C THR A 10 7.64 -1.29 -1.05
N VAL A 11 8.91 -1.68 -1.20
CA VAL A 11 9.32 -2.46 -2.37
C VAL A 11 9.69 -3.82 -1.87
N GLY A 12 9.01 -4.86 -2.37
CA GLY A 12 9.36 -6.22 -1.96
C GLY A 12 8.20 -7.18 -2.19
N ASN A 13 8.44 -8.22 -2.98
CA ASN A 13 7.47 -9.29 -3.21
C ASN A 13 7.01 -9.96 -1.92
N GLU A 14 7.92 -10.07 -0.94
CA GLU A 14 7.59 -10.77 0.32
C GLU A 14 6.46 -10.03 1.15
N ILE A 15 6.44 -8.71 1.04
CA ILE A 15 5.38 -7.88 1.60
C ILE A 15 4.03 -8.11 0.90
N LEU A 16 4.02 -8.03 -0.42
CA LEU A 16 2.79 -8.29 -1.20
C LEU A 16 2.23 -9.66 -0.95
N LYS A 17 3.10 -10.67 -0.83
CA LYS A 17 2.61 -12.04 -0.66
C LYS A 17 2.23 -12.32 0.78
N GLY A 18 2.44 -11.33 1.64
CA GLY A 18 2.16 -11.51 3.08
C GLY A 18 3.05 -12.48 3.81
N ARG A 19 4.30 -12.62 3.38
CA ARG A 19 5.27 -13.48 4.08
C ARG A 19 5.70 -12.74 5.34
N THR A 20 5.77 -11.42 5.21
CA THR A 20 6.28 -10.51 6.21
C THR A 20 5.24 -9.40 6.38
N VAL A 21 4.89 -9.09 7.61
CA VAL A 21 3.99 -7.97 7.87
C VAL A 21 4.73 -6.67 7.59
N ASN A 22 4.07 -5.66 7.03
CA ASN A 22 4.78 -4.43 6.68
C ASN A 22 5.06 -3.49 7.87
N THR A 23 5.97 -3.92 8.72
CA THR A 23 6.32 -3.11 9.91
C THR A 23 7.06 -1.82 9.52
N ASN A 24 7.87 -1.88 8.47
CA ASN A 24 8.56 -0.67 7.95
C ASN A 24 7.62 0.47 7.65
N ALA A 25 6.53 0.20 6.89
CA ALA A 25 5.54 1.27 6.56
C ALA A 25 4.89 1.91 7.81
N ALA A 26 4.64 1.10 8.84
CA ALA A 26 4.12 1.61 10.13
C ALA A 26 5.17 2.53 10.82
N PHE A 27 6.42 2.09 10.91
CA PHE A 27 7.48 2.93 11.49
C PHE A 27 7.66 4.23 10.72
N ILE A 28 7.72 4.15 9.38
CA ILE A 28 7.80 5.33 8.53
C ILE A 28 6.56 6.23 8.72
N GLY A 29 5.36 5.67 8.58
CA GLY A 29 4.19 6.50 8.77
C GLY A 29 4.13 7.23 10.11
N ASN A 30 4.41 6.51 11.20
CA ASN A 30 4.43 7.10 12.56
C ASN A 30 5.54 8.17 12.67
N PHE A 31 6.74 7.87 12.19
CA PHE A 31 7.82 8.86 12.24
C PHE A 31 7.45 10.16 11.49
N LEU A 32 6.91 10.01 10.28
CA LEU A 32 6.50 11.16 9.46
C LEU A 32 5.34 11.94 10.09
N THR A 33 4.32 11.22 10.58
CA THR A 33 3.17 11.83 11.27
C THR A 33 3.67 12.63 12.49
N TYR A 34 4.53 12.02 13.29
CA TYR A 34 5.09 12.72 14.48
C TYR A 34 5.75 14.06 14.09
N HIS A 35 6.43 14.06 12.95
CA HIS A 35 7.09 15.25 12.42
C HIS A 35 6.18 16.26 11.71
N GLY A 36 4.88 16.01 11.65
CA GLY A 36 3.93 17.00 11.14
C GLY A 36 3.50 16.80 9.69
N TYR A 37 3.89 15.67 9.09
CA TYR A 37 3.43 15.32 7.76
C TYR A 37 2.06 14.63 7.75
N GLN A 38 1.24 14.97 6.75
CA GLN A 38 0.10 14.13 6.41
C GLN A 38 0.61 12.99 5.54
N VAL A 39 0.52 11.75 6.02
CA VAL A 39 0.95 10.63 5.22
C VAL A 39 -0.23 10.37 4.27
N ARG A 40 -0.04 10.61 2.98
CA ARG A 40 -1.21 10.60 2.08
C ARG A 40 -1.53 9.21 1.59
N ARG A 41 -0.51 8.47 1.16
CA ARG A 41 -0.70 7.20 0.44
C ARG A 41 0.38 6.20 0.75
N GLY A 42 0.05 4.93 0.61
CA GLY A 42 1.08 3.90 0.77
C GLY A 42 0.99 3.04 -0.49
N PHE A 43 2.13 2.77 -1.10
CA PHE A 43 2.24 1.94 -2.30
C PHE A 43 3.05 0.73 -1.94
N VAL A 44 2.63 -0.46 -2.34
CA VAL A 44 3.47 -1.59 -2.13
C VAL A 44 3.70 -2.17 -3.53
N VAL A 45 4.94 -2.35 -3.96
CA VAL A 45 5.20 -2.84 -5.31
C VAL A 45 6.21 -3.96 -5.31
N MET A 46 6.21 -4.69 -6.42
CA MET A 46 7.16 -5.75 -6.67
C MET A 46 8.54 -5.20 -6.90
N ASP A 47 9.53 -6.08 -6.77
CA ASP A 47 10.92 -5.78 -7.12
C ASP A 47 11.07 -5.75 -8.63
N ASP A 48 10.61 -4.66 -9.26
CA ASP A 48 10.47 -4.61 -10.72
C ASP A 48 10.66 -3.15 -11.06
N LEU A 49 11.61 -2.85 -11.94
CA LEU A 49 12.04 -1.46 -11.99
C LEU A 49 10.95 -0.55 -12.55
N ASP A 50 10.13 -1.08 -13.47
CA ASP A 50 9.00 -0.30 -14.02
C ASP A 50 7.85 -0.11 -13.03
N GLU A 51 7.52 -1.13 -12.26
CA GLU A 51 6.58 -0.94 -11.14
C GLU A 51 7.08 0.11 -10.12
N ILE A 52 8.36 0.04 -9.77
CA ILE A 52 8.97 0.99 -8.82
C ILE A 52 8.93 2.41 -9.40
N GLY A 53 9.28 2.52 -10.68
CA GLY A 53 9.27 3.80 -11.38
C GLY A 53 7.88 4.41 -11.36
N TRP A 54 6.85 3.58 -11.55
CA TRP A 54 5.49 4.07 -11.52
C TRP A 54 5.11 4.62 -10.13
N ALA A 55 5.44 3.88 -9.06
CA ALA A 55 5.15 4.33 -7.70
C ALA A 55 5.87 5.63 -7.35
N PHE A 56 7.16 5.73 -7.67
CA PHE A 56 7.84 7.00 -7.41
C PHE A 56 7.16 8.16 -8.15
N ARG A 57 6.74 7.93 -9.39
CA ARG A 57 6.13 8.98 -10.20
C ARG A 57 4.81 9.46 -9.59
N VAL A 58 3.90 8.53 -9.29
CA VAL A 58 2.65 8.92 -8.62
C VAL A 58 2.89 9.54 -7.21
N ALA A 59 3.76 8.90 -6.41
CA ALA A 59 4.09 9.44 -5.05
C ALA A 59 4.54 10.90 -5.17
N LEU A 60 5.45 11.17 -6.12
CA LEU A 60 5.95 12.51 -6.27
C LEU A 60 4.84 13.50 -6.65
N GLU A 61 3.86 13.02 -7.40
CA GLU A 61 2.78 13.88 -7.81
C GLU A 61 1.91 14.34 -6.65
N VAL A 62 1.75 13.51 -5.63
CA VAL A 62 0.79 13.80 -4.61
C VAL A 62 1.47 14.21 -3.28
N SER A 63 2.81 14.24 -3.25
CA SER A 63 3.49 14.67 -2.00
C SER A 63 4.75 15.48 -2.19
N ASP A 64 5.26 16.01 -1.09
CA ASP A 64 6.43 16.88 -1.08
C ASP A 64 7.60 16.00 -0.63
N LEU A 65 7.29 14.95 0.12
CA LEU A 65 8.33 14.07 0.66
C LEU A 65 7.94 12.63 0.36
N VAL A 66 8.83 11.83 -0.21
CA VAL A 66 8.48 10.42 -0.48
C VAL A 66 9.53 9.57 0.20
N VAL A 67 9.10 8.55 0.95
CA VAL A 67 10.08 7.68 1.62
C VAL A 67 9.84 6.24 1.15
N SER A 68 10.89 5.58 0.68
CA SER A 68 10.77 4.17 0.30
C SER A 68 11.64 3.29 1.17
N SER A 69 11.20 2.03 1.36
CA SER A 69 12.10 1.03 1.93
C SER A 69 12.03 -0.25 1.11
N GLY A 70 13.16 -0.96 1.09
CA GLY A 70 13.24 -2.21 0.36
C GLY A 70 13.93 -2.04 -1.00
N GLY A 71 14.48 -3.14 -1.49
CA GLY A 71 15.13 -3.21 -2.79
C GLY A 71 16.47 -2.54 -2.93
N LEU A 72 17.26 -2.48 -1.83
CA LEU A 72 18.63 -1.92 -1.85
C LEU A 72 19.87 -2.85 -1.69
N GLY A 73 19.73 -4.12 -1.47
CA GLY A 73 20.99 -4.87 -1.33
C GLY A 73 21.84 -5.16 -2.56
N PRO A 74 22.80 -6.08 -2.38
CA PRO A 74 23.73 -6.54 -3.41
C PRO A 74 23.13 -7.60 -4.36
N THR A 75 21.82 -7.75 -4.38
CA THR A 75 21.17 -8.80 -5.17
C THR A 75 20.60 -8.16 -6.44
N PHE A 76 20.41 -8.92 -7.50
CA PHE A 76 19.89 -8.21 -8.68
C PHE A 76 18.35 -8.09 -8.60
N ASP A 77 17.76 -8.66 -7.54
CA ASP A 77 16.39 -8.36 -7.18
C ASP A 77 16.20 -6.95 -6.61
N ASP A 78 17.28 -6.31 -6.22
CA ASP A 78 17.26 -5.01 -5.61
C ASP A 78 17.28 -3.96 -6.71
N MET A 79 16.11 -3.48 -7.09
CA MET A 79 15.93 -2.61 -8.27
C MET A 79 15.43 -1.21 -7.95
N THR A 80 15.32 -0.90 -6.66
CA THR A 80 14.78 0.39 -6.24
C THR A 80 15.49 1.60 -6.84
N VAL A 81 16.82 1.67 -6.70
CA VAL A 81 17.54 2.87 -7.20
C VAL A 81 17.38 3.00 -8.70
N GLU A 82 17.46 1.90 -9.44
CA GLU A 82 17.22 1.93 -10.87
C GLU A 82 15.83 2.41 -11.23
N GLY A 83 14.84 1.95 -10.47
CA GLY A 83 13.45 2.32 -10.75
C GLY A 83 13.31 3.82 -10.53
N PHE A 84 13.92 4.32 -9.45
CA PHE A 84 13.91 5.74 -9.15
C PHE A 84 14.57 6.54 -10.29
N ALA A 85 15.72 6.05 -10.74
CA ALA A 85 16.49 6.74 -11.81
C ALA A 85 15.69 6.81 -13.12
N LYS A 86 14.99 5.72 -13.42
CA LYS A 86 14.15 5.63 -14.62
C LYS A 86 13.02 6.68 -14.50
N CYS A 87 12.38 6.73 -13.33
CA CYS A 87 11.32 7.72 -13.04
C CYS A 87 11.79 9.16 -13.33
N ILE A 88 12.93 9.56 -12.78
CA ILE A 88 13.44 10.93 -12.99
C ILE A 88 14.25 11.14 -14.29
N GLY A 89 14.44 10.07 -15.08
CA GLY A 89 15.15 10.18 -16.34
C GLY A 89 16.64 10.50 -16.23
N GLN A 90 17.30 9.94 -15.23
CA GLN A 90 18.74 10.14 -15.03
C GLN A 90 19.49 8.80 -15.00
N ASP A 91 20.68 8.76 -15.60
CA ASP A 91 21.57 7.60 -15.52
C ASP A 91 22.18 7.45 -14.13
N LEU A 92 22.42 6.22 -13.72
CA LEU A 92 23.15 5.93 -12.49
C LEU A 92 24.64 6.11 -12.72
N ARG A 93 25.35 6.63 -11.72
CA ARG A 93 26.81 6.69 -11.80
C ARG A 93 27.35 6.06 -10.54
N ILE A 94 28.49 5.40 -10.65
CA ILE A 94 29.20 4.92 -9.46
C ILE A 94 29.68 6.17 -8.69
N ASP A 95 29.23 6.31 -7.45
CA ASP A 95 29.58 7.45 -6.61
C ASP A 95 30.82 7.09 -5.78
N GLU A 96 31.83 7.94 -5.78
CA GLU A 96 33.08 7.59 -5.11
C GLU A 96 32.95 7.52 -3.59
N ASP A 97 32.15 8.43 -3.04
CA ASP A 97 31.75 8.41 -1.62
C ASP A 97 31.01 7.11 -1.22
N ALA A 98 29.97 6.75 -1.96
CA ALA A 98 29.28 5.46 -1.74
C ALA A 98 30.26 4.29 -1.87
N LEU A 99 31.13 4.36 -2.90
CA LEU A 99 32.08 3.31 -3.17
C LEU A 99 33.03 3.12 -1.99
N ALA A 100 33.50 4.24 -1.44
CA ALA A 100 34.29 4.23 -0.22
C ALA A 100 33.53 3.61 0.96
N MET A 101 32.24 3.96 1.16
CA MET A 101 31.39 3.31 2.17
C MET A 101 31.41 1.77 1.98
N ILE A 102 31.05 1.30 0.77
CA ILE A 102 30.96 -0.15 0.47
C ILE A 102 32.26 -0.85 0.84
N LYS A 103 33.37 -0.25 0.43
CA LYS A 103 34.71 -0.82 0.62
C LYS A 103 35.01 -1.16 2.08
N LYS A 104 34.67 -0.23 2.97
CA LYS A 104 34.79 -0.43 4.41
C LYS A 104 34.10 -1.74 4.84
N LYS A 105 32.78 -1.77 4.64
CA LYS A 105 31.94 -2.91 4.95
C LYS A 105 32.54 -4.26 4.54
N TYR A 106 33.33 -4.26 3.47
CA TYR A 106 33.84 -5.51 2.90
C TYR A 106 35.34 -5.77 3.11
N GLY A 107 36.08 -4.73 3.50
CA GLY A 107 37.54 -4.85 3.65
C GLY A 107 38.32 -4.50 2.39
N LEU A 111 35.30 -6.57 -4.39
CA LEU A 111 33.85 -6.54 -4.43
C LEU A 111 33.29 -6.77 -5.84
N THR A 112 32.43 -7.78 -5.95
CA THR A 112 31.87 -8.22 -7.22
C THR A 112 31.00 -7.14 -7.88
N PRO A 113 30.49 -7.40 -9.10
CA PRO A 113 29.54 -6.50 -9.76
C PRO A 113 28.28 -6.20 -8.94
N GLN A 114 27.71 -7.24 -8.31
CA GLN A 114 26.49 -7.06 -7.52
C GLN A 114 26.77 -6.17 -6.30
N ARG A 115 28.01 -6.21 -5.79
CA ARG A 115 28.35 -5.36 -4.67
C ARG A 115 28.56 -3.92 -5.09
N LEU A 116 29.37 -3.74 -6.12
CA LEU A 116 29.62 -2.45 -6.74
C LEU A 116 28.33 -1.70 -7.13
N LYS A 117 27.36 -2.45 -7.61
CA LYS A 117 26.04 -1.95 -7.91
C LYS A 117 25.48 -1.02 -6.82
N MET A 118 25.75 -1.34 -5.54
CA MET A 118 25.28 -0.55 -4.39
C MET A 118 25.86 0.88 -4.31
N ALA A 119 26.93 1.17 -5.04
CA ALA A 119 27.52 2.52 -5.06
C ALA A 119 26.98 3.36 -6.22
N LYS A 120 26.06 2.79 -6.99
CA LYS A 120 25.57 3.50 -8.16
C LYS A 120 24.37 4.32 -7.82
N ILE A 121 24.47 5.63 -8.04
CA ILE A 121 23.36 6.50 -7.71
C ILE A 121 23.13 7.57 -8.79
N PRO A 122 21.89 8.11 -8.89
CA PRO A 122 21.62 9.20 -9.82
C PRO A 122 22.29 10.46 -9.29
N PRO A 123 22.59 11.44 -10.16
CA PRO A 123 23.25 12.65 -9.62
C PRO A 123 22.38 13.45 -8.65
N SER A 124 21.09 13.13 -8.61
CA SER A 124 20.18 13.88 -7.80
C SER A 124 20.23 13.51 -6.31
N CYS A 125 20.89 12.38 -6.02
CA CYS A 125 20.97 11.79 -4.69
C CYS A 125 22.32 11.98 -3.98
N ARG A 126 22.28 12.22 -2.67
CA ARG A 126 23.42 12.09 -1.72
C ARG A 126 23.34 10.72 -0.97
N PRO A 127 24.46 9.97 -0.90
CA PRO A 127 24.41 8.73 -0.08
C PRO A 127 24.59 9.00 1.41
N ILE A 128 23.95 8.21 2.27
CA ILE A 128 24.01 8.38 3.73
C ILE A 128 24.53 7.06 4.29
N GLU A 129 25.61 7.14 5.07
CA GLU A 129 26.22 5.88 5.50
C GLU A 129 25.30 5.07 6.41
N ASN A 130 25.34 3.75 6.22
CA ASN A 130 24.47 2.85 6.93
C ASN A 130 25.18 2.47 8.20
N PRO A 131 24.70 2.95 9.35
CA PRO A 131 25.44 2.62 10.56
C PRO A 131 25.28 1.17 11.06
N VAL A 132 24.39 0.38 10.45
CA VAL A 132 24.09 -0.97 10.93
C VAL A 132 24.48 -2.05 9.88
N GLY A 133 24.14 -1.82 8.61
CA GLY A 133 24.41 -2.77 7.55
C GLY A 133 25.25 -2.15 6.47
N THR A 134 25.04 -2.58 5.23
CA THR A 134 25.94 -2.25 4.13
C THR A 134 25.41 -1.16 3.17
N ALA A 135 24.19 -1.32 2.67
CA ALA A 135 23.62 -0.42 1.67
C ALA A 135 23.43 0.99 2.25
N PRO A 136 24.08 2.02 1.62
CA PRO A 136 23.81 3.40 2.06
C PRO A 136 22.36 3.78 1.77
N GLY A 137 21.78 4.61 2.64
CA GLY A 137 20.51 5.26 2.28
C GLY A 137 20.82 6.37 1.28
N LEU A 138 19.79 6.84 0.56
CA LEU A 138 19.88 7.92 -0.37
C LEU A 138 18.90 9.00 0.01
N ILE A 139 19.34 10.26 -0.07
CA ILE A 139 18.41 11.40 -0.08
C ILE A 139 18.55 12.09 -1.43
N CYS A 140 17.41 12.33 -2.08
CA CYS A 140 17.44 12.93 -3.41
C CYS A 140 16.54 14.15 -3.48
N ALA A 141 16.91 15.09 -4.35
CA ALA A 141 16.08 16.26 -4.58
C ALA A 141 15.51 16.15 -6.00
N VAL A 142 14.19 16.27 -6.12
CA VAL A 142 13.55 16.21 -7.42
C VAL A 142 12.76 17.50 -7.44
N GLY A 143 13.34 18.53 -8.06
CA GLY A 143 12.80 19.87 -7.96
C GLY A 143 12.83 20.31 -6.51
N GLY A 144 11.73 20.86 -6.04
CA GLY A 144 11.64 21.20 -4.63
C GLY A 144 11.14 20.04 -3.77
N LYS A 145 11.02 18.83 -4.30
CA LYS A 145 10.53 17.73 -3.48
C LYS A 145 11.72 16.90 -2.97
N LYS A 146 11.49 16.05 -1.97
CA LYS A 146 12.57 15.24 -1.42
C LYS A 146 12.19 13.78 -1.43
N VAL A 147 13.16 12.93 -1.77
CA VAL A 147 12.94 11.50 -1.78
C VAL A 147 14.02 10.85 -0.91
N ILE A 148 13.56 9.98 -0.03
CA ILE A 148 14.46 9.23 0.83
C ILE A 148 14.31 7.75 0.52
N ILE A 149 15.45 7.10 0.25
CA ILE A 149 15.47 5.71 -0.19
C ILE A 149 16.23 4.89 0.84
N LEU A 150 15.52 3.92 1.45
CA LEU A 150 16.06 3.15 2.62
C LEU A 150 16.11 1.66 2.36
N PRO A 151 17.05 0.95 3.03
CA PRO A 151 17.10 -0.52 2.96
C PRO A 151 15.85 -1.11 3.59
N GLY A 152 15.59 -2.36 3.25
CA GLY A 152 14.41 -3.02 3.79
C GLY A 152 14.57 -3.65 5.17
N VAL A 153 15.81 -3.87 5.63
CA VAL A 153 16.03 -4.50 6.95
C VAL A 153 15.62 -3.51 8.08
N PRO A 154 14.66 -3.89 8.97
CA PRO A 154 14.08 -2.90 9.89
C PRO A 154 15.07 -2.06 10.69
N LYS A 155 16.10 -2.71 11.24
CA LYS A 155 17.07 -2.04 12.04
C LYS A 155 17.89 -1.06 11.22
N GLU A 156 18.15 -1.42 9.96
CA GLU A 156 18.90 -0.51 9.11
C GLU A 156 18.03 0.70 8.71
N MET A 157 16.80 0.40 8.28
CA MET A 157 15.81 1.41 7.92
C MET A 157 15.62 2.41 9.06
N GLU A 158 15.40 1.89 10.27
CA GLU A 158 15.21 2.76 11.44
C GLU A 158 16.42 3.66 11.76
N ALA A 159 17.63 3.07 11.80
CA ALA A 159 18.85 3.81 12.10
C ALA A 159 19.03 4.91 11.06
N LEU A 160 18.77 4.59 9.80
CA LEU A 160 19.02 5.52 8.70
C LEU A 160 18.03 6.66 8.70
N LEU A 161 16.76 6.35 8.92
CA LEU A 161 15.72 7.37 8.94
C LEU A 161 15.92 8.34 10.10
N LYS A 162 16.24 7.82 11.28
CA LYS A 162 16.64 8.68 12.39
C LYS A 162 17.89 9.56 12.07
N ALA A 163 18.90 8.97 11.43
CA ALA A 163 20.06 9.75 10.93
C ALA A 163 19.69 10.93 10.00
N MET A 164 18.55 10.81 9.33
CA MET A 164 18.09 11.80 8.36
C MET A 164 17.04 12.77 8.88
N GLU A 165 16.90 12.85 10.19
CA GLU A 165 15.84 13.66 10.78
C GLU A 165 15.87 15.13 10.35
N LYS A 166 17.04 15.74 10.36
CA LYS A 166 17.17 17.15 10.01
C LYS A 166 16.77 17.43 8.56
N ASP A 167 16.77 16.41 7.71
CA ASP A 167 16.29 16.55 6.34
C ASP A 167 14.77 16.50 6.26
N ILE A 168 14.15 15.98 7.32
CA ILE A 168 12.72 15.74 7.46
C ILE A 168 11.99 16.88 8.20
N ILE A 169 12.64 17.46 9.21
CA ILE A 169 11.99 18.42 10.12
C ILE A 169 11.39 19.60 9.38
N ILE A 170 10.09 19.82 9.54
CA ILE A 170 9.41 20.98 8.94
C ILE A 170 9.43 22.19 9.89
N SER B 1 -4.18 -12.33 -19.23
CA SER B 1 -2.93 -11.50 -19.15
C SER B 1 -2.84 -10.78 -17.81
N ASN B 2 -3.97 -10.21 -17.34
CA ASN B 2 -4.10 -9.84 -15.93
C ASN B 2 -4.89 -10.93 -15.19
N ALA B 3 -5.10 -12.03 -15.90
CA ALA B 3 -5.93 -13.14 -15.41
C ALA B 3 -5.55 -13.65 -14.00
N LYS B 4 -4.26 -13.87 -13.76
CA LYS B 4 -3.82 -14.39 -12.45
C LYS B 4 -3.26 -13.29 -11.54
N ASN B 5 -3.48 -12.03 -11.93
CA ASN B 5 -3.01 -10.88 -11.17
C ASN B 5 -4.10 -10.44 -10.19
N ALA B 6 -3.71 -10.21 -8.95
CA ALA B 6 -4.60 -9.62 -7.93
C ALA B 6 -3.94 -8.42 -7.33
N SER B 7 -4.76 -7.47 -6.87
CA SER B 7 -4.25 -6.35 -6.07
C SER B 7 -5.00 -6.24 -4.76
N VAL B 8 -4.34 -5.64 -3.79
CA VAL B 8 -4.87 -5.48 -2.45
C VAL B 8 -4.96 -3.98 -2.13
N ILE B 9 -6.08 -3.59 -1.53
CA ILE B 9 -6.27 -2.22 -1.12
C ILE B 9 -6.62 -2.26 0.37
N THR B 10 -6.02 -1.32 1.12
CA THR B 10 -6.31 -1.19 2.52
C THR B 10 -6.74 0.27 2.68
N VAL B 11 -7.90 0.49 3.29
CA VAL B 11 -8.39 1.86 3.53
C VAL B 11 -8.38 2.17 5.05
N GLY B 12 -7.74 3.25 5.48
CA GLY B 12 -7.70 3.57 6.90
C GLY B 12 -6.53 4.47 7.24
N ASN B 13 -6.85 5.68 7.67
CA ASN B 13 -5.84 6.64 8.13
C ASN B 13 -4.90 6.08 9.19
N GLU B 14 -5.40 5.23 10.07
CA GLU B 14 -4.56 4.74 11.16
C GLU B 14 -3.41 3.84 10.65
N ILE B 15 -3.66 3.12 9.54
CA ILE B 15 -2.61 2.32 8.90
C ILE B 15 -1.59 3.27 8.32
N LEU B 16 -2.03 4.29 7.58
CA LEU B 16 -1.04 5.24 6.95
C LEU B 16 -0.21 5.90 8.01
N LYS B 17 -0.87 6.27 9.10
CA LYS B 17 -0.16 6.93 10.18
C LYS B 17 0.69 5.99 11.03
N GLY B 18 0.64 4.69 10.76
CA GLY B 18 1.45 3.74 11.53
C GLY B 18 0.94 3.59 12.96
N ARG B 19 -0.32 3.89 13.19
CA ARG B 19 -0.87 3.63 14.54
C ARG B 19 -1.19 2.15 14.71
N THR B 20 -1.49 1.47 13.61
CA THR B 20 -1.63 0.02 13.62
C THR B 20 -0.83 -0.54 12.41
N VAL B 21 -0.37 -1.77 12.52
CA VAL B 21 0.36 -2.40 11.43
C VAL B 21 -0.64 -3.05 10.44
N ASN B 22 -0.27 -3.15 9.17
CA ASN B 22 -1.21 -3.71 8.20
C ASN B 22 -1.28 -5.24 8.14
N THR B 23 -1.89 -5.85 9.14
CA THR B 23 -2.00 -7.31 9.14
C THR B 23 -3.02 -7.82 8.13
N ASN B 24 -4.07 -7.04 7.85
CA ASN B 24 -5.02 -7.49 6.84
C ASN B 24 -4.35 -7.71 5.47
N ALA B 25 -3.49 -6.79 5.07
CA ALA B 25 -2.87 -6.90 3.75
C ALA B 25 -2.00 -8.17 3.67
N ALA B 26 -1.35 -8.51 4.78
CA ALA B 26 -0.58 -9.78 4.87
C ALA B 26 -1.47 -10.97 4.72
N PHE B 27 -2.57 -11.01 5.48
CA PHE B 27 -3.47 -12.15 5.41
C PHE B 27 -4.06 -12.28 3.98
N ILE B 28 -4.47 -11.16 3.38
CA ILE B 28 -5.04 -11.20 2.02
C ILE B 28 -3.98 -11.62 1.00
N GLY B 29 -2.79 -11.04 1.12
CA GLY B 29 -1.68 -11.39 0.23
C GLY B 29 -1.37 -12.88 0.28
N ASN B 30 -1.35 -13.42 1.50
CA ASN B 30 -1.05 -14.83 1.67
C ASN B 30 -2.20 -15.72 1.15
N PHE B 31 -3.45 -15.32 1.42
CA PHE B 31 -4.63 -16.04 0.95
C PHE B 31 -4.62 -16.12 -0.58
N LEU B 32 -4.36 -14.98 -1.23
CA LEU B 32 -4.38 -14.93 -2.71
C LEU B 32 -3.22 -15.73 -3.31
N THR B 33 -2.03 -15.54 -2.75
CA THR B 33 -0.84 -16.34 -3.11
C THR B 33 -1.11 -17.84 -3.00
N TYR B 34 -1.70 -18.21 -1.88
CA TYR B 34 -2.04 -19.59 -1.61
C TYR B 34 -2.95 -20.14 -2.71
N HIS B 35 -3.84 -19.30 -3.27
CA HIS B 35 -4.73 -19.80 -4.34
C HIS B 35 -4.21 -19.58 -5.74
N GLY B 36 -2.91 -19.29 -5.85
CA GLY B 36 -2.26 -19.30 -7.15
C GLY B 36 -2.26 -17.94 -7.86
N TYR B 37 -2.70 -16.87 -7.18
CA TYR B 37 -2.58 -15.53 -7.78
C TYR B 37 -1.23 -14.92 -7.62
N GLN B 38 -0.87 -14.07 -8.57
CA GLN B 38 0.24 -13.16 -8.38
C GLN B 38 -0.24 -11.83 -7.78
N VAL B 39 0.20 -11.52 -6.55
CA VAL B 39 -0.25 -10.27 -5.96
C VAL B 39 0.65 -9.14 -6.51
N ARG B 40 0.06 -8.28 -7.29
CA ARG B 40 0.86 -7.37 -8.10
C ARG B 40 1.19 -6.05 -7.39
N ARG B 41 0.17 -5.38 -6.82
CA ARG B 41 0.36 -4.09 -6.14
C ARG B 41 -0.50 -4.06 -4.92
N GLY B 42 -0.04 -3.32 -3.90
CA GLY B 42 -0.80 -3.07 -2.66
C GLY B 42 -0.97 -1.55 -2.57
N PHE B 43 -2.15 -1.11 -2.13
CA PHE B 43 -2.44 0.32 -2.01
C PHE B 43 -2.92 0.56 -0.60
N VAL B 44 -2.47 1.63 0.01
CA VAL B 44 -3.03 2.06 1.28
C VAL B 44 -3.48 3.48 1.08
N VAL B 45 -4.74 3.72 1.39
CA VAL B 45 -5.30 5.03 1.20
C VAL B 45 -6.10 5.49 2.42
N MET B 46 -6.30 6.80 2.49
CA MET B 46 -7.08 7.46 3.54
C MET B 46 -8.56 7.21 3.36
N ASP B 47 -9.31 7.46 4.45
CA ASP B 47 -10.75 7.49 4.41
C ASP B 47 -11.21 8.69 3.62
N ASP B 48 -11.21 8.58 2.30
CA ASP B 48 -11.40 9.75 1.46
C ASP B 48 -11.91 9.27 0.11
N LEU B 49 -13.04 9.82 -0.35
CA LEU B 49 -13.71 9.26 -1.56
C LEU B 49 -12.80 9.21 -2.74
N ASP B 50 -12.10 10.30 -2.99
CA ASP B 50 -11.36 10.39 -4.24
C ASP B 50 -10.14 9.47 -4.16
N GLU B 51 -9.56 9.31 -2.97
CA GLU B 51 -8.36 8.49 -2.83
C GLU B 51 -8.72 7.04 -2.97
N ILE B 52 -9.88 6.69 -2.42
CA ILE B 52 -10.41 5.32 -2.52
C ILE B 52 -10.71 4.99 -3.98
N GLY B 53 -11.33 5.97 -4.67
CA GLY B 53 -11.66 5.79 -6.07
C GLY B 53 -10.39 5.56 -6.92
N TRP B 54 -9.35 6.37 -6.63
CA TRP B 54 -8.04 6.24 -7.27
C TRP B 54 -7.49 4.79 -7.14
N ALA B 55 -7.49 4.26 -5.92
CA ALA B 55 -6.88 2.97 -5.64
C ALA B 55 -7.63 1.86 -6.40
N PHE B 56 -8.96 1.90 -6.38
CA PHE B 56 -9.73 0.87 -7.10
C PHE B 56 -9.46 0.94 -8.59
N ARG B 57 -9.44 2.14 -9.16
CA ARG B 57 -9.19 2.27 -10.60
C ARG B 57 -7.81 1.76 -11.05
N VAL B 58 -6.78 2.21 -10.37
CA VAL B 58 -5.45 1.63 -10.61
C VAL B 58 -5.40 0.10 -10.39
N ALA B 59 -5.94 -0.37 -9.27
CA ALA B 59 -5.94 -1.79 -9.01
C ALA B 59 -6.58 -2.54 -10.18
N LEU B 60 -7.66 -2.00 -10.71
CA LEU B 60 -8.42 -2.68 -11.76
C LEU B 60 -7.67 -2.62 -13.08
N GLU B 61 -6.88 -1.57 -13.27
CA GLU B 61 -6.06 -1.45 -14.48
C GLU B 61 -5.00 -2.58 -14.52
N VAL B 62 -4.48 -3.02 -13.38
CA VAL B 62 -3.35 -3.97 -13.40
C VAL B 62 -3.71 -5.42 -12.95
N SER B 63 -4.95 -5.63 -12.53
CA SER B 63 -5.33 -6.94 -12.02
C SER B 63 -6.78 -7.28 -12.35
N ASP B 64 -7.10 -8.58 -12.41
CA ASP B 64 -8.43 -9.04 -12.64
C ASP B 64 -9.18 -9.39 -11.35
N LEU B 65 -8.49 -9.37 -10.22
CA LEU B 65 -9.17 -9.58 -8.94
C LEU B 65 -8.59 -8.56 -7.97
N VAL B 66 -9.47 -7.82 -7.31
CA VAL B 66 -9.07 -6.74 -6.41
C VAL B 66 -9.74 -7.01 -5.08
N VAL B 67 -8.95 -7.04 -4.00
CA VAL B 67 -9.60 -7.24 -2.68
C VAL B 67 -9.25 -6.07 -1.79
N SER B 68 -10.27 -5.40 -1.22
CA SER B 68 -10.03 -4.28 -0.30
C SER B 68 -10.49 -4.65 1.12
N SER B 69 -9.86 -4.07 2.13
CA SER B 69 -10.45 -4.13 3.45
C SER B 69 -10.40 -2.78 4.13
N GLY B 70 -11.36 -2.54 5.02
CA GLY B 70 -11.41 -1.30 5.72
C GLY B 70 -12.47 -0.35 5.18
N GLY B 71 -12.98 0.52 6.04
CA GLY B 71 -13.90 1.61 5.62
C GLY B 71 -15.33 1.13 5.35
N LEU B 72 -15.70 0.02 5.99
CA LEU B 72 -17.07 -0.54 5.95
C LEU B 72 -17.47 -0.66 7.37
N GLY B 73 -18.58 -0.04 7.76
CA GLY B 73 -18.89 0.07 9.16
C GLY B 73 -19.93 1.13 9.39
N PRO B 74 -20.49 1.17 10.60
CA PRO B 74 -21.60 2.07 10.86
C PRO B 74 -21.18 3.52 11.20
N THR B 75 -20.17 4.10 10.53
CA THR B 75 -19.78 5.48 10.86
C THR B 75 -19.67 6.23 9.54
N PHE B 76 -19.85 7.55 9.56
CA PHE B 76 -19.60 8.37 8.39
C PHE B 76 -18.17 8.23 7.84
N ASP B 77 -17.22 7.90 8.70
CA ASP B 77 -15.82 7.74 8.30
C ASP B 77 -15.67 6.51 7.41
N ASP B 78 -16.65 5.60 7.44
CA ASP B 78 -16.58 4.39 6.60
C ASP B 78 -17.14 4.66 5.18
N MET B 79 -16.23 4.98 4.25
CA MET B 79 -16.58 5.57 2.94
C MET B 79 -16.25 4.67 1.74
N THR B 80 -15.86 3.42 1.98
CA THR B 80 -15.23 2.62 0.94
C THR B 80 -16.22 2.25 -0.19
N VAL B 81 -17.42 1.81 0.19
CA VAL B 81 -18.46 1.48 -0.80
C VAL B 81 -18.81 2.67 -1.68
N GLU B 82 -19.00 3.82 -1.06
CA GLU B 82 -19.32 5.01 -1.83
C GLU B 82 -18.16 5.39 -2.76
N GLY B 83 -16.93 5.34 -2.24
CA GLY B 83 -15.76 5.61 -3.09
C GLY B 83 -15.70 4.66 -4.28
N PHE B 84 -15.95 3.38 -4.04
CA PHE B 84 -16.02 2.38 -5.09
C PHE B 84 -17.12 2.68 -6.12
N ALA B 85 -18.33 2.95 -5.67
CA ALA B 85 -19.46 3.35 -6.57
C ALA B 85 -19.10 4.53 -7.48
N LYS B 86 -18.52 5.55 -6.88
CA LYS B 86 -18.18 6.78 -7.59
C LYS B 86 -17.17 6.44 -8.65
N CYS B 87 -16.21 5.61 -8.29
CA CYS B 87 -15.17 5.40 -9.25
C CYS B 87 -15.60 4.49 -10.43
N ILE B 88 -16.65 3.71 -10.28
CA ILE B 88 -17.17 2.96 -11.45
C ILE B 88 -18.36 3.68 -12.11
N GLY B 89 -18.70 4.86 -11.59
CA GLY B 89 -19.76 5.63 -12.21
C GLY B 89 -21.17 5.20 -11.88
N GLN B 90 -21.35 4.56 -10.73
CA GLN B 90 -22.71 4.17 -10.34
C GLN B 90 -23.25 4.90 -9.12
N ASP B 91 -24.56 4.93 -9.00
CA ASP B 91 -25.20 5.48 -7.82
C ASP B 91 -25.44 4.36 -6.78
N LEU B 92 -25.39 4.74 -5.52
CA LEU B 92 -25.83 3.86 -4.46
C LEU B 92 -27.37 3.82 -4.36
N ARG B 93 -27.91 2.63 -4.15
CA ARG B 93 -29.30 2.44 -3.79
C ARG B 93 -29.36 1.44 -2.66
N ILE B 94 -30.36 1.62 -1.79
CA ILE B 94 -30.68 0.66 -0.74
C ILE B 94 -30.89 -0.71 -1.38
N ASP B 95 -30.16 -1.70 -0.87
CA ASP B 95 -30.42 -3.10 -1.11
C ASP B 95 -31.29 -3.60 0.03
N GLU B 96 -32.52 -4.04 -0.30
CA GLU B 96 -33.51 -4.43 0.71
C GLU B 96 -33.11 -5.69 1.55
N ASP B 97 -32.43 -6.66 0.92
CA ASP B 97 -31.95 -7.85 1.66
C ASP B 97 -30.91 -7.38 2.68
N ALA B 98 -29.94 -6.61 2.19
CA ALA B 98 -28.88 -6.03 3.03
C ALA B 98 -29.52 -5.30 4.22
N LEU B 99 -30.48 -4.42 3.90
CA LEU B 99 -31.16 -3.63 4.94
C LEU B 99 -31.80 -4.53 6.01
N ALA B 100 -32.59 -5.51 5.53
CA ALA B 100 -33.13 -6.57 6.39
C ALA B 100 -32.06 -7.28 7.26
N MET B 101 -30.94 -7.71 6.66
CA MET B 101 -29.82 -8.29 7.42
C MET B 101 -29.50 -7.36 8.62
N ILE B 102 -29.26 -6.08 8.30
CA ILE B 102 -28.82 -5.10 9.29
C ILE B 102 -29.78 -4.87 10.48
N LYS B 103 -31.06 -4.66 10.18
CA LYS B 103 -32.10 -4.45 11.21
C LYS B 103 -32.22 -5.65 12.15
N LYS B 104 -32.12 -6.84 11.57
CA LYS B 104 -32.13 -8.07 12.35
C LYS B 104 -30.95 -8.08 13.32
N LYS B 105 -29.76 -7.71 12.83
CA LYS B 105 -28.58 -7.69 13.69
C LYS B 105 -28.70 -6.70 14.85
N TYR B 106 -29.35 -5.58 14.60
CA TYR B 106 -29.43 -4.55 15.62
C TYR B 106 -30.67 -4.69 16.48
N GLY B 107 -31.54 -5.66 16.16
CA GLY B 107 -32.81 -5.84 16.85
C GLY B 107 -33.63 -4.56 16.98
N GLN B 108 -33.58 -3.74 15.93
CA GLN B 108 -34.17 -2.41 15.97
C GLN B 108 -34.67 -2.01 14.56
N ALA B 109 -35.91 -1.49 14.51
CA ALA B 109 -36.52 -1.00 13.24
C ALA B 109 -35.94 0.34 12.76
N ASP B 110 -35.40 1.12 13.70
CA ASP B 110 -34.94 2.49 13.50
C ASP B 110 -33.42 2.58 13.68
N LEU B 111 -32.69 2.51 12.56
CA LEU B 111 -31.25 2.65 12.53
C LEU B 111 -30.83 4.12 12.53
N THR B 112 -29.65 4.45 13.07
CA THR B 112 -29.06 5.75 12.77
C THR B 112 -28.72 5.85 11.24
N PRO B 113 -28.60 7.09 10.71
CA PRO B 113 -28.14 7.31 9.33
C PRO B 113 -26.86 6.53 8.94
N GLN B 114 -25.84 6.59 9.81
CA GLN B 114 -24.57 5.91 9.54
C GLN B 114 -24.73 4.40 9.50
N ARG B 115 -25.72 3.88 10.21
CA ARG B 115 -26.02 2.44 10.16
C ARG B 115 -26.83 2.05 8.92
N LEU B 116 -27.94 2.77 8.67
CA LEU B 116 -28.73 2.60 7.48
C LEU B 116 -27.85 2.60 6.25
N LYS B 117 -26.89 3.54 6.16
CA LYS B 117 -26.10 3.70 4.93
C LYS B 117 -25.30 2.44 4.59
N MET B 118 -25.10 1.54 5.57
CA MET B 118 -24.42 0.25 5.27
C MET B 118 -25.19 -0.64 4.30
N ALA B 119 -26.48 -0.39 4.10
CA ALA B 119 -27.26 -1.13 3.08
C ALA B 119 -27.24 -0.50 1.69
N LYS B 120 -26.58 0.65 1.53
CA LYS B 120 -26.54 1.38 0.25
C LYS B 120 -25.42 0.78 -0.59
N ILE B 121 -25.74 0.31 -1.80
CA ILE B 121 -24.83 -0.54 -2.58
C ILE B 121 -25.00 -0.11 -4.04
N PRO B 122 -23.93 -0.15 -4.87
CA PRO B 122 -24.20 0.05 -6.30
C PRO B 122 -24.71 -1.25 -6.98
N PRO B 123 -25.41 -1.15 -8.12
CA PRO B 123 -25.97 -2.37 -8.75
C PRO B 123 -24.94 -3.41 -9.21
N SER B 124 -23.69 -3.00 -9.43
CA SER B 124 -22.63 -3.95 -9.80
C SER B 124 -22.20 -4.90 -8.67
N CYS B 125 -22.70 -4.68 -7.46
CA CYS B 125 -22.30 -5.46 -6.30
C CYS B 125 -23.43 -6.27 -5.72
N ARG B 126 -23.10 -7.40 -5.09
CA ARG B 126 -24.00 -8.16 -4.24
C ARG B 126 -23.45 -8.15 -2.80
N PRO B 127 -24.34 -8.06 -1.78
CA PRO B 127 -23.80 -8.10 -0.43
C PRO B 127 -23.42 -9.52 -0.04
N ILE B 128 -22.41 -9.66 0.83
CA ILE B 128 -22.07 -10.94 1.45
C ILE B 128 -22.31 -10.84 2.96
N GLU B 129 -23.00 -11.85 3.49
CA GLU B 129 -23.41 -11.87 4.88
C GLU B 129 -22.23 -11.81 5.81
N ASN B 130 -22.31 -10.98 6.84
CA ASN B 130 -21.26 -10.89 7.82
C ASN B 130 -21.74 -11.54 9.10
N PRO B 131 -21.39 -12.81 9.32
CA PRO B 131 -21.94 -13.50 10.48
C PRO B 131 -21.36 -13.02 11.80
N VAL B 132 -20.25 -12.27 11.73
CA VAL B 132 -19.49 -11.84 12.91
C VAL B 132 -19.83 -10.40 13.28
N GLY B 133 -19.82 -9.50 12.30
CA GLY B 133 -19.96 -8.08 12.62
C GLY B 133 -21.19 -7.56 11.91
N THR B 134 -21.32 -6.25 11.79
CA THR B 134 -22.57 -5.79 11.19
C THR B 134 -22.50 -5.39 9.70
N ALA B 135 -21.33 -4.98 9.20
CA ALA B 135 -21.29 -4.53 7.81
C ALA B 135 -21.21 -5.73 6.84
N PRO B 136 -22.15 -5.82 5.87
CA PRO B 136 -21.97 -6.87 4.86
C PRO B 136 -20.67 -6.63 4.05
N GLY B 137 -20.06 -7.71 3.55
CA GLY B 137 -19.06 -7.56 2.49
C GLY B 137 -19.78 -7.37 1.16
N LEU B 138 -19.03 -7.06 0.10
CA LEU B 138 -19.58 -6.95 -1.25
C LEU B 138 -18.70 -7.71 -2.22
N ILE B 139 -19.31 -8.42 -3.17
CA ILE B 139 -18.60 -8.96 -4.33
C ILE B 139 -19.22 -8.22 -5.49
N CYS B 140 -18.35 -7.70 -6.36
CA CYS B 140 -18.77 -6.87 -7.45
C CYS B 140 -18.15 -7.43 -8.70
N ALA B 141 -18.82 -7.23 -9.82
CA ALA B 141 -18.18 -7.55 -11.11
C ALA B 141 -18.04 -6.24 -11.90
N VAL B 142 -16.87 -6.00 -12.44
CA VAL B 142 -16.62 -4.85 -13.30
C VAL B 142 -16.10 -5.46 -14.60
N GLY B 143 -16.93 -5.42 -15.63
CA GLY B 143 -16.83 -6.32 -16.82
C GLY B 143 -16.52 -7.74 -16.32
N GLY B 144 -15.41 -8.30 -16.76
CA GLY B 144 -15.00 -9.64 -16.35
C GLY B 144 -14.10 -9.64 -15.12
N LYS B 145 -13.93 -8.49 -14.49
CA LYS B 145 -13.05 -8.42 -13.32
C LYS B 145 -13.87 -8.60 -12.05
N LYS B 146 -13.25 -9.03 -10.96
CA LYS B 146 -14.01 -9.13 -9.70
C LYS B 146 -13.42 -8.29 -8.60
N VAL B 147 -14.28 -7.78 -7.72
CA VAL B 147 -13.84 -6.87 -6.67
C VAL B 147 -14.52 -7.37 -5.41
N ILE B 148 -13.74 -7.67 -4.39
CA ILE B 148 -14.26 -8.12 -3.09
C ILE B 148 -13.96 -7.01 -2.08
N ILE B 149 -14.99 -6.49 -1.42
CA ILE B 149 -14.84 -5.33 -0.53
C ILE B 149 -15.21 -5.82 0.87
N LEU B 150 -14.25 -5.76 1.81
CA LEU B 150 -14.34 -6.42 3.11
C LEU B 150 -14.23 -5.41 4.23
N PRO B 151 -14.78 -5.73 5.42
CA PRO B 151 -14.58 -4.91 6.64
C PRO B 151 -13.15 -4.92 7.05
N GLY B 152 -12.75 -3.95 7.85
CA GLY B 152 -11.33 -3.85 8.26
C GLY B 152 -11.08 -4.63 9.55
N VAL B 153 -12.13 -4.95 10.26
CA VAL B 153 -11.96 -5.81 11.47
C VAL B 153 -11.44 -7.21 11.08
N PRO B 154 -10.22 -7.58 11.54
CA PRO B 154 -9.57 -8.76 10.98
C PRO B 154 -10.39 -10.03 11.09
N LYS B 155 -11.06 -10.21 12.21
CA LYS B 155 -11.87 -11.42 12.37
C LYS B 155 -13.00 -11.48 11.33
N GLU B 156 -13.60 -10.34 11.03
CA GLU B 156 -14.68 -10.27 10.04
C GLU B 156 -14.09 -10.43 8.63
N MET B 157 -12.97 -9.74 8.37
CA MET B 157 -12.37 -9.71 7.03
C MET B 157 -12.06 -11.17 6.69
N GLU B 158 -11.42 -11.88 7.63
CA GLU B 158 -10.94 -13.25 7.40
C GLU B 158 -12.09 -14.24 7.25
N ALA B 159 -13.13 -14.07 8.06
CA ALA B 159 -14.32 -14.90 7.95
C ALA B 159 -14.96 -14.76 6.57
N LEU B 160 -15.16 -13.54 6.12
CA LEU B 160 -15.82 -13.31 4.82
C LEU B 160 -14.95 -13.75 3.61
N LEU B 161 -13.65 -13.50 3.71
CA LEU B 161 -12.74 -13.90 2.64
C LEU B 161 -12.78 -15.42 2.46
N LYS B 162 -12.74 -16.13 3.59
CA LYS B 162 -12.90 -17.59 3.59
C LYS B 162 -14.25 -18.09 3.04
N ALA B 163 -15.34 -17.43 3.36
CA ALA B 163 -16.66 -17.71 2.79
C ALA B 163 -16.76 -17.47 1.26
N MET B 164 -15.88 -16.61 0.73
CA MET B 164 -15.83 -16.25 -0.70
C MET B 164 -14.86 -17.12 -1.51
N GLU B 165 -14.27 -18.15 -0.88
CA GLU B 165 -13.14 -18.85 -1.49
C GLU B 165 -13.52 -19.54 -2.80
N LYS B 166 -14.77 -19.97 -2.90
CA LYS B 166 -15.27 -20.57 -4.13
C LYS B 166 -15.42 -19.59 -5.28
N ASP B 167 -15.60 -18.30 -4.97
CA ASP B 167 -15.55 -17.23 -5.98
C ASP B 167 -14.15 -16.90 -6.48
N ILE B 168 -13.16 -17.35 -5.72
CA ILE B 168 -11.78 -16.95 -5.91
C ILE B 168 -10.98 -18.02 -6.68
N ILE B 169 -11.46 -19.25 -6.69
CA ILE B 169 -10.67 -20.33 -7.26
C ILE B 169 -10.41 -20.14 -8.75
#